data_6U0K
#
_entry.id   6U0K
#
_cell.length_a   56.230
_cell.length_b   114.680
_cell.length_c   118.700
_cell.angle_alpha   90.000
_cell.angle_beta   90.000
_cell.angle_gamma   90.000
#
_symmetry.space_group_name_H-M   'P 21 21 21'
#
loop_
_entity.id
_entity.type
_entity.pdbx_description
1 polymer 'Tau-tubulin kinase 2'
2 non-polymer 'PHOSPHATE ION'
3 non-polymer 4-[3-HYDROXYANILINO]-6,7-DIMETHOXYQUINAZOLINE
4 non-polymer GLYCEROL
5 water water
#
_entity_poly.entity_id   1
_entity_poly.type   'polypeptide(L)'
_entity_poly.pdbx_seq_one_letter_code
;GMSGGGEQLDILSVGILVKERWKVLRKIGGGGFGEIYDALDMLTRENVALKVESAQQPKQVLKMEVAVLKKLQGKDHVCR
FIGCGRNDRFNYVVMQLQGRNLADLRRSQSRGTFTISTTLRLGRQILESIESIHSVGFLHRDIKPSNFAMGRFPSTCRKC
YMLDFGLARQFTNSCGDVRPPRAVAGFRGTVRYASINAHRNREMGRHDDLWSLFYMLVEFVVGQLPWRKIKDKEQVGSIK
ERYDHRLMLKHLPPEFSIFLDHISSLDYFTKPDYQLLTSVFDNSIKTFGVIESDPFDWEK
;
_entity_poly.pdbx_strand_id   B,A
#
loop_
_chem_comp.id
_chem_comp.type
_chem_comp.name
_chem_comp.formula
DTQ non-polymer 4-[3-HYDROXYANILINO]-6,7-DIMETHOXYQUINAZOLINE 'C16 H15 N3 O3'
GOL non-polymer GLYCEROL 'C3 H8 O3'
PO4 non-polymer 'PHOSPHATE ION' 'O4 P -3'
#
# COMPACT_ATOMS: atom_id res chain seq x y z
N LEU A 9 14.56 -7.45 20.70
CA LEU A 9 13.42 -8.36 20.76
C LEU A 9 12.09 -7.61 20.99
N ASP A 10 11.01 -8.08 20.33
CA ASP A 10 9.68 -7.54 20.56
C ASP A 10 9.16 -8.03 21.89
N ILE A 11 8.40 -7.18 22.59
CA ILE A 11 7.83 -7.57 23.89
C ILE A 11 6.45 -8.26 23.73
N LEU A 12 5.67 -7.86 22.74
CA LEU A 12 4.40 -8.50 22.39
C LEU A 12 4.57 -9.32 21.12
N SER A 13 3.49 -10.03 20.81
CA SER A 13 3.36 -10.86 19.63
C SER A 13 1.91 -10.80 19.15
N VAL A 14 1.70 -11.08 17.86
CA VAL A 14 0.32 -11.14 17.36
C VAL A 14 -0.45 -12.18 18.16
N GLY A 15 -1.66 -11.80 18.57
CA GLY A 15 -2.57 -12.65 19.33
C GLY A 15 -2.69 -12.26 20.80
N ILE A 16 -1.71 -11.54 21.33
CA ILE A 16 -1.75 -11.09 22.73
C ILE A 16 -2.96 -10.17 22.97
N LEU A 17 -3.61 -10.34 24.10
CA LEU A 17 -4.63 -9.41 24.54
C LEU A 17 -4.05 -8.49 25.60
N VAL A 18 -4.19 -7.18 25.40
CA VAL A 18 -3.71 -6.15 26.32
C VAL A 18 -4.90 -5.66 27.15
N LYS A 19 -4.77 -5.74 28.47
CA LYS A 19 -5.81 -5.22 29.37
C LYS A 19 -7.16 -5.84 29.10
N GLU A 20 -7.18 -7.14 28.72
CA GLU A 20 -8.41 -7.88 28.38
C GLU A 20 -9.30 -7.11 27.37
N ARG A 21 -8.70 -6.29 26.48
CA ARG A 21 -9.48 -5.40 25.61
C ARG A 21 -8.94 -5.27 24.18
N TRP A 22 -7.63 -5.09 24.02
CA TRP A 22 -7.03 -4.84 22.71
C TRP A 22 -6.29 -6.09 22.26
N LYS A 23 -6.81 -6.73 21.23
CA LYS A 23 -6.20 -7.94 20.70
C LYS A 23 -5.19 -7.55 19.63
N VAL A 24 -3.92 -7.86 19.87
CA VAL A 24 -2.90 -7.49 18.87
C VAL A 24 -3.09 -8.38 17.63
N LEU A 25 -3.24 -7.73 16.45
CA LEU A 25 -3.55 -8.45 15.22
C LEU A 25 -2.40 -8.51 14.23
N ARG A 26 -1.63 -7.43 14.09
CA ARG A 26 -0.68 -7.37 12.99
C ARG A 26 0.37 -6.34 13.33
N LYS A 27 1.64 -6.70 13.13
CA LYS A 27 2.72 -5.72 13.34
C LYS A 27 2.73 -4.74 12.16
N ILE A 28 2.65 -3.43 12.44
CA ILE A 28 2.67 -2.40 11.36
C ILE A 28 3.88 -1.50 11.43
N GLY A 29 4.69 -1.61 12.47
CA GLY A 29 5.91 -0.84 12.51
C GLY A 29 6.96 -1.56 13.33
N GLY A 30 8.15 -1.63 12.77
CA GLY A 30 9.37 -2.07 13.42
C GLY A 30 10.48 -1.10 13.03
N GLY A 31 11.71 -1.44 13.37
CA GLY A 31 12.82 -0.53 13.13
C GLY A 31 12.63 0.80 13.86
N GLY A 32 12.70 1.90 13.09
CA GLY A 32 12.58 3.21 13.69
C GLY A 32 11.19 3.55 14.17
N PHE A 33 10.17 2.83 13.66
CA PHE A 33 8.82 3.02 14.18
C PHE A 33 8.63 2.42 15.58
N GLY A 34 9.57 1.59 16.02
CA GLY A 34 9.40 0.89 17.29
C GLY A 34 8.43 -0.27 17.13
N GLU A 35 7.83 -0.66 18.22
CA GLU A 35 6.98 -1.83 18.16
C GLU A 35 5.53 -1.36 18.20
N ILE A 36 4.88 -1.33 17.02
CA ILE A 36 3.52 -0.80 16.92
C ILE A 36 2.68 -1.76 16.10
N TYR A 37 1.42 -1.94 16.50
CA TYR A 37 0.56 -2.95 15.96
C TYR A 37 -0.78 -2.35 15.55
N ASP A 38 -1.44 -3.05 14.64
CA ASP A 38 -2.86 -2.93 14.44
C ASP A 38 -3.49 -3.89 15.45
N ALA A 39 -4.38 -3.38 16.32
CA ALA A 39 -5.05 -4.21 17.31
C ALA A 39 -6.55 -4.08 17.15
N LEU A 40 -7.26 -5.10 17.60
CA LEU A 40 -8.71 -5.09 17.65
C LEU A 40 -9.12 -4.54 19.01
N ASP A 41 -9.86 -3.42 19.01
CA ASP A 41 -10.47 -2.89 20.23
C ASP A 41 -11.79 -3.63 20.43
N MET A 42 -11.83 -4.54 21.42
CA MET A 42 -13.06 -5.33 21.62
C MET A 42 -14.23 -4.52 22.16
N LEU A 43 -13.95 -3.35 22.75
CA LEU A 43 -15.03 -2.53 23.25
C LEU A 43 -15.78 -1.87 22.10
N THR A 44 -15.07 -1.31 21.14
CA THR A 44 -15.74 -0.55 20.09
C THR A 44 -15.83 -1.30 18.77
N ARG A 45 -15.25 -2.50 18.71
CA ARG A 45 -15.24 -3.33 17.48
C ARG A 45 -14.59 -2.58 16.32
N GLU A 46 -13.40 -2.06 16.55
CA GLU A 46 -12.70 -1.36 15.46
C GLU A 46 -11.21 -1.65 15.57
N ASN A 47 -10.50 -1.49 14.46
CA ASN A 47 -9.05 -1.57 14.51
C ASN A 47 -8.48 -0.26 15.06
N VAL A 48 -7.45 -0.37 15.91
CA VAL A 48 -6.76 0.79 16.49
C VAL A 48 -5.26 0.53 16.35
N ALA A 49 -4.46 1.57 16.62
CA ALA A 49 -3.00 1.42 16.72
C ALA A 49 -2.61 1.28 18.20
N LEU A 50 -1.65 0.38 18.44
CA LEU A 50 -1.14 0.11 19.78
C LEU A 50 0.38 0.04 19.73
N LYS A 51 1.05 0.93 20.47
CA LYS A 51 2.51 0.98 20.48
C LYS A 51 3.00 0.58 21.86
N VAL A 52 4.07 -0.22 21.91
CA VAL A 52 4.52 -0.75 23.21
C VAL A 52 6.00 -0.48 23.37
N GLU A 53 6.44 -0.38 24.61
CA GLU A 53 7.87 -0.33 24.89
C GLU A 53 8.13 -1.12 26.17
N SER A 54 9.33 -1.67 26.27
CA SER A 54 9.65 -2.43 27.48
C SER A 54 9.70 -1.48 28.70
N ALA A 55 9.17 -1.94 29.83
CA ALA A 55 9.20 -1.13 31.05
C ALA A 55 10.54 -1.20 31.78
N GLN A 56 11.46 -2.03 31.32
CA GLN A 56 12.78 -2.13 31.92
C GLN A 56 13.84 -1.50 31.02
N GLN A 57 13.42 -0.90 29.93
CA GLN A 57 14.33 -0.23 29.02
C GLN A 57 14.86 1.06 29.65
N PRO A 58 16.14 1.39 29.44
CA PRO A 58 16.71 2.59 30.08
C PRO A 58 16.01 3.87 29.64
N LYS A 59 15.95 4.16 28.33
CA LYS A 59 15.24 5.32 27.82
C LYS A 59 13.84 4.87 27.41
N GLN A 60 12.85 5.27 28.18
CA GLN A 60 11.45 4.98 27.88
C GLN A 60 10.74 6.28 27.55
N VAL A 61 10.12 6.33 26.38
CA VAL A 61 9.58 7.60 25.89
C VAL A 61 8.06 7.58 25.79
N LEU A 62 7.39 6.45 26.03
CA LEU A 62 5.94 6.46 25.79
C LEU A 62 5.22 7.35 26.78
N LYS A 63 5.78 7.53 27.97
CA LYS A 63 5.16 8.43 28.94
C LYS A 63 5.01 9.82 28.31
N MET A 64 6.05 10.27 27.58
CA MET A 64 5.99 11.58 26.95
C MET A 64 5.10 11.53 25.70
N GLU A 65 5.11 10.43 24.96
CA GLU A 65 4.21 10.38 23.81
C GLU A 65 2.76 10.48 24.26
N VAL A 66 2.39 9.79 25.34
CA VAL A 66 1.05 9.87 25.89
C VAL A 66 0.72 11.31 26.28
N ALA A 67 1.67 11.98 26.94
CA ALA A 67 1.44 13.36 27.35
C ALA A 67 1.17 14.26 26.13
N VAL A 68 1.96 14.08 25.06
CA VAL A 68 1.79 14.89 23.85
C VAL A 68 0.47 14.56 23.15
N LEU A 69 0.16 13.27 23.00
CA LEU A 69 -1.10 12.89 22.40
C LEU A 69 -2.26 13.49 23.17
N LYS A 70 -2.20 13.43 24.51
CA LYS A 70 -3.30 13.97 25.33
C LYS A 70 -3.38 15.49 25.19
N LYS A 71 -2.22 16.17 25.13
CA LYS A 71 -2.20 17.63 25.03
C LYS A 71 -2.72 18.10 23.67
N LEU A 72 -2.63 17.25 22.66
CA LEU A 72 -3.11 17.56 21.31
C LEU A 72 -4.54 17.15 21.07
N GLN A 73 -5.20 16.51 22.04
CA GLN A 73 -6.54 15.99 21.75
C GLN A 73 -7.48 17.15 21.40
N GLY A 74 -8.28 16.96 20.35
CA GLY A 74 -9.08 18.06 19.86
C GLY A 74 -8.46 18.90 18.75
N LYS A 75 -7.19 18.68 18.42
CA LYS A 75 -6.59 19.36 17.27
C LYS A 75 -6.86 18.53 16.02
N ASP A 76 -6.92 19.21 14.88
CA ASP A 76 -6.95 18.53 13.58
C ASP A 76 -5.57 17.90 13.31
N HIS A 77 -5.54 16.86 12.47
CA HIS A 77 -4.30 16.20 12.06
C HIS A 77 -3.64 15.39 13.17
N VAL A 78 -4.39 15.02 14.23
CA VAL A 78 -3.77 14.20 15.27
C VAL A 78 -4.67 12.99 15.48
N CYS A 79 -4.04 11.86 15.79
CA CYS A 79 -4.81 10.65 16.07
C CYS A 79 -5.52 10.79 17.40
N ARG A 80 -6.76 10.33 17.46
CA ARG A 80 -7.50 10.33 18.71
C ARG A 80 -6.83 9.40 19.74
N PHE A 81 -6.68 9.88 20.95
CA PHE A 81 -6.14 9.10 22.06
C PHE A 81 -7.18 8.11 22.55
N ILE A 82 -6.80 6.85 22.72
CA ILE A 82 -7.74 5.81 23.13
C ILE A 82 -7.38 5.21 24.49
N GLY A 83 -6.09 5.08 24.80
CA GLY A 83 -5.78 4.58 26.14
C GLY A 83 -4.29 4.39 26.29
N CYS A 84 -3.89 4.03 27.51
CA CYS A 84 -2.48 3.81 27.83
C CYS A 84 -2.41 3.01 29.12
N GLY A 85 -1.23 2.46 29.38
CA GLY A 85 -1.04 1.76 30.64
C GLY A 85 0.43 1.52 30.84
N ARG A 86 0.73 1.05 32.05
CA ARG A 86 2.10 0.81 32.47
C ARG A 86 2.02 -0.34 33.45
N ASN A 87 2.83 -1.36 33.22
CA ASN A 87 2.95 -2.48 34.15
C ASN A 87 4.43 -2.80 34.28
N ASP A 88 4.73 -3.88 34.99
CA ASP A 88 6.11 -4.25 35.27
C ASP A 88 6.86 -4.72 34.02
N ARG A 89 6.17 -5.14 32.97
CA ARG A 89 6.80 -5.62 31.74
C ARG A 89 6.87 -4.58 30.62
N PHE A 90 5.80 -3.83 30.40
CA PHE A 90 5.77 -2.88 29.29
C PHE A 90 4.84 -1.74 29.60
N ASN A 91 5.06 -0.63 28.89
CA ASN A 91 4.17 0.51 28.73
C ASN A 91 3.55 0.48 27.33
N TYR A 92 2.33 0.99 27.23
CA TYR A 92 1.69 1.00 25.92
C TYR A 92 0.84 2.25 25.75
N VAL A 93 0.57 2.58 24.50
CA VAL A 93 -0.38 3.64 24.14
C VAL A 93 -1.24 3.15 22.98
N VAL A 94 -2.52 3.52 23.00
CA VAL A 94 -3.52 3.11 22.01
C VAL A 94 -4.12 4.37 21.43
N MET A 95 -4.20 4.44 20.10
CA MET A 95 -4.67 5.64 19.44
C MET A 95 -5.28 5.27 18.09
N GLN A 96 -5.96 6.24 17.46
CA GLN A 96 -6.67 6.00 16.19
C GLN A 96 -5.71 5.50 15.10
N LEU A 97 -6.08 4.41 14.43
CA LEU A 97 -5.23 3.84 13.37
C LEU A 97 -5.46 4.60 12.05
N GLN A 98 -4.38 4.97 11.38
CA GLN A 98 -4.41 5.68 10.12
C GLN A 98 -3.99 4.76 8.98
N GLY A 99 -3.87 5.34 7.77
CA GLY A 99 -3.59 4.60 6.56
C GLY A 99 -2.16 4.78 6.08
N ARG A 100 -1.97 4.95 4.78
CA ARG A 100 -0.64 4.89 4.18
C ARG A 100 0.15 6.14 4.48
N ASN A 101 1.45 5.97 4.78
CA ASN A 101 2.26 7.14 5.11
C ASN A 101 2.80 7.78 3.82
N LEU A 102 3.30 9.03 3.95
CA LEU A 102 3.68 9.77 2.74
C LEU A 102 4.94 9.22 2.09
N ALA A 103 5.84 8.63 2.86
CA ALA A 103 6.98 8.00 2.20
C ALA A 103 6.51 6.84 1.33
N ASP A 104 5.63 6.03 1.90
CA ASP A 104 4.99 4.95 1.10
CA ASP A 104 4.97 4.94 1.11
C ASP A 104 4.15 5.38 -0.14
N LEU A 105 3.42 6.48 0.08
CA LEU A 105 2.65 7.02 -1.05
C LEU A 105 3.56 7.59 -2.14
N ARG A 106 4.64 8.30 -1.76
CA ARG A 106 5.51 8.85 -2.79
C ARG A 106 6.24 7.73 -3.53
N ARG A 107 6.82 6.79 -2.78
CA ARG A 107 7.57 5.69 -3.42
C ARG A 107 6.66 4.84 -4.29
N SER A 108 5.37 4.76 -3.91
CA SER A 108 4.41 4.06 -4.74
C SER A 108 3.91 4.90 -5.90
N GLN A 109 4.52 6.06 -6.22
CA GLN A 109 4.19 6.89 -7.39
C GLN A 109 5.02 6.54 -8.62
N SER A 110 5.98 5.64 -8.47
CA SER A 110 6.67 5.05 -9.61
C SER A 110 7.67 6.03 -10.22
N ARG A 111 7.30 7.31 -10.47
CA ARG A 111 8.28 8.36 -10.74
C ARG A 111 8.80 8.94 -9.43
N GLY A 112 8.23 8.52 -8.31
CA GLY A 112 8.69 8.90 -7.00
C GLY A 112 8.59 10.38 -6.67
N THR A 113 7.72 11.12 -7.35
CA THR A 113 7.48 12.53 -7.10
C THR A 113 5.98 12.74 -6.99
N PHE A 114 5.62 13.77 -6.27
CA PHE A 114 4.26 14.30 -6.28
C PHE A 114 4.16 15.53 -7.16
N THR A 115 2.95 15.77 -7.69
CA THR A 115 2.71 17.03 -8.39
C THR A 115 2.74 18.21 -7.43
N ILE A 116 2.80 19.42 -8.00
CA ILE A 116 2.72 20.62 -7.17
C ILE A 116 1.39 20.67 -6.42
N SER A 117 0.29 20.26 -7.06
CA SER A 117 -1.02 20.33 -6.42
C SER A 117 -1.10 19.44 -5.17
N THR A 118 -0.62 18.20 -5.27
CA THR A 118 -0.58 17.32 -4.11
C THR A 118 0.42 17.85 -3.08
N THR A 119 1.59 18.31 -3.54
CA THR A 119 2.59 18.81 -2.61
C THR A 119 2.10 20.00 -1.80
N LEU A 120 1.47 21.01 -2.46
CA LEU A 120 0.99 22.18 -1.74
C LEU A 120 -0.08 21.82 -0.73
N ARG A 121 -0.99 20.92 -1.11
CA ARG A 121 -2.07 20.62 -0.17
C ARG A 121 -1.55 19.81 1.02
N LEU A 122 -0.66 18.84 0.77
CA LEU A 122 -0.06 18.13 1.89
C LEU A 122 0.79 19.06 2.74
N GLY A 123 1.61 19.90 2.10
CA GLY A 123 2.46 20.78 2.87
C GLY A 123 1.68 21.72 3.77
N ARG A 124 0.56 22.25 3.27
CA ARG A 124 -0.26 23.12 4.11
C ARG A 124 -0.82 22.34 5.30
N GLN A 125 -1.28 21.11 5.06
CA GLN A 125 -1.78 20.32 6.19
C GLN A 125 -0.66 20.03 7.22
N ILE A 126 0.56 19.74 6.74
CA ILE A 126 1.65 19.44 7.65
C ILE A 126 2.02 20.70 8.43
N LEU A 127 2.05 21.85 7.74
CA LEU A 127 2.32 23.09 8.46
C LEU A 127 1.28 23.33 9.56
N GLU A 128 0.01 23.05 9.28
CA GLU A 128 -1.01 23.16 10.32
C GLU A 128 -0.66 22.27 11.53
N SER A 129 -0.29 21.01 11.28
CA SER A 129 0.01 20.10 12.38
CA SER A 129 0.03 20.09 12.37
C SER A 129 1.25 20.56 13.15
N ILE A 130 2.22 21.16 12.47
CA ILE A 130 3.41 21.65 13.16
C ILE A 130 3.08 22.85 14.04
N GLU A 131 2.30 23.82 13.52
CA GLU A 131 1.92 24.93 14.37
C GLU A 131 1.15 24.42 15.58
N SER A 132 0.36 23.38 15.38
CA SER A 132 -0.45 22.83 16.45
C SER A 132 0.42 22.24 17.57
N ILE A 133 1.41 21.40 17.21
CA ILE A 133 2.24 20.82 18.28
C ILE A 133 3.06 21.89 18.99
N HIS A 134 3.61 22.85 18.26
CA HIS A 134 4.28 23.98 18.90
C HIS A 134 3.36 24.73 19.85
N SER A 135 2.08 24.89 19.46
CA SER A 135 1.11 25.64 20.26
C SER A 135 0.85 24.99 21.62
N VAL A 136 1.10 23.68 21.76
CA VAL A 136 0.98 23.04 23.08
C VAL A 136 2.34 22.89 23.76
N GLY A 137 3.37 23.53 23.23
CA GLY A 137 4.64 23.60 23.93
C GLY A 137 5.65 22.51 23.57
N PHE A 138 5.45 21.77 22.50
CA PHE A 138 6.36 20.67 22.15
C PHE A 138 6.92 20.87 20.74
N LEU A 139 8.16 20.44 20.59
CA LEU A 139 8.77 20.27 19.28
C LEU A 139 8.64 18.82 18.87
N HIS A 140 8.41 18.57 17.57
CA HIS A 140 8.32 17.18 17.11
C HIS A 140 9.71 16.57 16.98
N ARG A 141 10.63 17.30 16.33
CA ARG A 141 12.05 17.00 16.14
C ARG A 141 12.35 15.83 15.20
N ASP A 142 11.35 15.21 14.60
CA ASP A 142 11.61 14.17 13.60
C ASP A 142 10.56 14.23 12.49
N ILE A 143 10.36 15.45 11.99
CA ILE A 143 9.43 15.70 10.90
C ILE A 143 10.00 15.04 9.63
N LYS A 144 9.25 14.08 9.04
CA LYS A 144 9.74 13.35 7.88
C LYS A 144 8.56 12.61 7.29
N PRO A 145 8.64 12.17 6.03
CA PRO A 145 7.41 11.68 5.35
C PRO A 145 6.81 10.42 5.98
N SER A 146 7.62 9.54 6.55
CA SER A 146 6.97 8.34 7.13
C SER A 146 6.29 8.65 8.46
N ASN A 147 6.44 9.87 9.01
CA ASN A 147 5.71 10.28 10.22
C ASN A 147 4.46 11.08 9.89
N PHE A 148 3.95 10.98 8.65
CA PHE A 148 2.66 11.56 8.31
C PHE A 148 1.91 10.53 7.49
N ALA A 149 0.62 10.34 7.80
CA ALA A 149 -0.18 9.33 7.06
C ALA A 149 -1.54 9.92 6.74
N MET A 150 -2.11 9.46 5.63
CA MET A 150 -3.49 9.79 5.32
C MET A 150 -4.44 8.87 6.09
N GLY A 151 -5.67 9.34 6.28
CA GLY A 151 -6.71 8.53 6.93
C GLY A 151 -7.06 7.32 6.07
N ARG A 152 -7.81 6.38 6.68
CA ARG A 152 -8.07 5.09 6.06
C ARG A 152 -9.52 4.91 5.61
N PHE A 153 -10.39 5.90 5.84
CA PHE A 153 -11.82 5.81 5.53
C PHE A 153 -12.21 6.93 4.58
N PRO A 154 -13.38 6.83 3.92
CA PRO A 154 -13.78 7.96 3.05
C PRO A 154 -13.77 9.30 3.77
N SER A 155 -14.19 9.34 5.03
CA SER A 155 -14.29 10.63 5.70
C SER A 155 -12.95 11.13 6.21
N THR A 156 -11.89 10.31 6.19
CA THR A 156 -10.60 10.78 6.70
C THR A 156 -9.47 10.68 5.67
N CYS A 157 -9.68 9.98 4.55
CA CYS A 157 -8.56 9.69 3.65
C CYS A 157 -7.96 10.90 2.95
N ARG A 158 -8.62 12.06 3.05
CA ARG A 158 -8.14 13.30 2.40
C ARG A 158 -7.44 14.17 3.46
N LYS A 159 -7.36 13.65 4.69
CA LYS A 159 -6.74 14.32 5.81
C LYS A 159 -5.39 13.67 6.12
N CYS A 160 -4.40 14.50 6.43
CA CYS A 160 -3.05 14.05 6.73
C CYS A 160 -2.84 14.14 8.25
N TYR A 161 -2.26 13.09 8.86
CA TYR A 161 -2.11 13.00 10.32
C TYR A 161 -0.63 12.90 10.70
N MET A 162 -0.23 13.69 11.71
CA MET A 162 1.11 13.67 12.31
C MET A 162 1.29 12.46 13.25
N LEU A 163 2.38 11.71 13.06
CA LEU A 163 2.64 10.47 13.83
C LEU A 163 3.96 10.57 14.56
N ASP A 164 4.12 9.75 15.60
CA ASP A 164 5.34 9.41 16.31
C ASP A 164 5.93 10.58 17.08
N PHE A 165 5.59 10.67 18.37
CA PHE A 165 6.11 11.71 19.25
C PHE A 165 7.30 11.25 20.08
N GLY A 166 7.94 10.12 19.71
CA GLY A 166 9.00 9.52 20.51
C GLY A 166 10.23 10.39 20.62
N LEU A 167 10.43 11.30 19.67
CA LEU A 167 11.59 12.19 19.75
C LEU A 167 11.22 13.61 20.14
N ALA A 168 9.97 13.86 20.55
CA ALA A 168 9.50 15.19 20.93
C ALA A 168 10.19 15.69 22.21
N ARG A 169 10.18 17.02 22.35
CA ARG A 169 10.71 17.66 23.53
C ARG A 169 9.86 18.89 23.85
N GLN A 170 9.53 19.04 25.13
CA GLN A 170 8.80 20.22 25.57
C GLN A 170 9.77 21.42 25.53
N PHE A 171 9.42 22.48 24.80
CA PHE A 171 10.32 23.63 24.69
C PHE A 171 9.87 24.85 25.51
N THR A 172 8.75 24.75 26.22
CA THR A 172 8.25 25.80 27.08
C THR A 172 8.29 25.34 28.52
N ASN A 173 8.35 26.30 29.45
CA ASN A 173 8.48 25.90 30.84
C ASN A 173 7.10 25.88 31.49
N SER A 174 7.09 25.84 32.83
CA SER A 174 5.85 25.88 33.59
C SER A 174 4.97 27.03 33.13
N CYS A 175 5.56 28.23 33.08
CA CYS A 175 4.81 29.43 32.68
C CYS A 175 4.29 29.32 31.25
N GLY A 176 5.15 28.95 30.31
CA GLY A 176 4.83 29.05 28.88
C GLY A 176 5.82 29.89 28.10
N ASP A 177 6.84 30.44 28.76
CA ASP A 177 7.99 31.04 28.13
C ASP A 177 8.83 29.95 27.48
N VAL A 178 9.66 30.34 26.51
CA VAL A 178 10.63 29.42 25.91
C VAL A 178 11.70 29.04 26.94
N ARG A 179 12.00 27.74 27.06
CA ARG A 179 12.94 27.37 28.11
C ARG A 179 14.36 27.66 27.65
N PRO A 180 15.26 28.02 28.57
CA PRO A 180 16.65 28.30 28.18
C PRO A 180 17.25 27.09 27.49
N PRO A 181 17.88 27.26 26.32
CA PRO A 181 18.46 26.10 25.62
C PRO A 181 19.70 25.54 26.30
N ARG A 182 19.89 24.23 26.15
CA ARG A 182 21.13 23.62 26.58
C ARG A 182 22.26 24.08 25.68
N ALA A 183 23.46 24.11 26.24
CA ALA A 183 24.63 24.52 25.47
C ALA A 183 24.93 23.53 24.35
N VAL A 184 24.72 22.25 24.60
CA VAL A 184 24.93 21.17 23.64
C VAL A 184 23.76 20.21 23.77
N ALA A 185 23.20 19.78 22.64
CA ALA A 185 22.09 18.83 22.64
C ALA A 185 22.40 17.80 21.57
N GLY A 186 22.47 16.53 21.95
CA GLY A 186 22.80 15.48 20.99
C GLY A 186 21.84 15.45 19.81
N PHE A 187 22.36 15.14 18.63
CA PHE A 187 21.61 15.10 17.39
C PHE A 187 20.32 14.30 17.52
N ARG A 188 19.22 14.91 17.14
CA ARG A 188 17.93 14.24 17.23
C ARG A 188 17.28 14.21 15.85
N GLY A 189 16.87 13.01 15.45
CA GLY A 189 16.06 12.85 14.28
C GLY A 189 16.73 12.02 13.22
N THR A 190 16.28 12.25 12.02
CA THR A 190 16.68 11.48 10.86
C THR A 190 17.66 12.34 10.07
N VAL A 191 18.78 11.73 9.69
CA VAL A 191 19.85 12.51 9.07
C VAL A 191 19.34 13.24 7.85
N ARG A 192 18.56 12.56 7.02
CA ARG A 192 18.16 13.12 5.74
C ARG A 192 17.38 14.43 5.88
N TYR A 193 16.52 14.54 6.92
CA TYR A 193 15.65 15.71 7.02
C TYR A 193 16.05 16.70 8.10
N ALA A 194 17.14 16.42 8.82
CA ALA A 194 17.52 17.25 9.95
C ALA A 194 18.03 18.63 9.53
N SER A 195 17.72 19.64 10.35
CA SER A 195 18.26 20.95 10.05
C SER A 195 19.75 21.02 10.37
N ILE A 196 20.38 22.09 9.89
CA ILE A 196 21.79 22.30 10.23
C ILE A 196 21.99 22.42 11.73
N ASN A 197 20.96 22.88 12.47
CA ASN A 197 21.15 23.07 13.90
C ASN A 197 21.25 21.73 14.62
N ALA A 198 20.50 20.73 14.16
CA ALA A 198 20.65 19.40 14.73
C ALA A 198 22.04 18.87 14.44
N HIS A 199 22.54 19.09 13.22
CA HIS A 199 23.87 18.64 12.87
C HIS A 199 24.91 19.29 13.76
N ARG A 200 24.70 20.56 14.15
CA ARG A 200 25.64 21.27 15.01
C ARG A 200 25.46 20.94 16.49
N ASN A 201 24.57 20.02 16.83
CA ASN A 201 24.29 19.65 18.23
C ASN A 201 23.85 20.85 19.04
N ARG A 202 23.07 21.72 18.42
CA ARG A 202 22.43 22.80 19.14
C ARG A 202 21.02 22.39 19.59
N GLU A 203 20.55 23.06 20.63
CA GLU A 203 19.18 22.86 21.06
C GLU A 203 18.25 23.20 19.91
N MET A 204 17.37 22.25 19.55
CA MET A 204 16.45 22.47 18.45
C MET A 204 15.28 23.38 18.83
N GLY A 205 14.76 24.09 17.84
CA GLY A 205 13.69 25.03 18.10
C GLY A 205 12.57 24.82 17.12
N ARG A 206 11.60 25.74 17.15
CA ARG A 206 10.42 25.60 16.28
C ARG A 206 10.81 25.65 14.80
N HIS A 207 11.80 26.52 14.45
CA HIS A 207 12.25 26.66 13.07
C HIS A 207 12.90 25.39 12.54
N ASP A 208 13.45 24.55 13.43
CA ASP A 208 14.06 23.30 12.94
C ASP A 208 13.02 22.31 12.44
N ASP A 209 11.84 22.26 13.07
CA ASP A 209 10.75 21.46 12.49
C ASP A 209 10.37 22.00 11.10
N LEU A 210 10.43 23.32 10.91
CA LEU A 210 10.07 23.93 9.63
C LEU A 210 11.13 23.70 8.57
N TRP A 211 12.41 23.70 8.95
CA TRP A 211 13.45 23.27 8.03
C TRP A 211 13.18 21.86 7.54
N SER A 212 12.80 20.96 8.46
CA SER A 212 12.52 19.59 8.00
C SER A 212 11.32 19.55 7.05
N LEU A 213 10.30 20.36 7.32
CA LEU A 213 9.18 20.51 6.37
C LEU A 213 9.69 20.99 5.00
N PHE A 214 10.56 22.00 4.98
CA PHE A 214 11.08 22.48 3.69
C PHE A 214 11.78 21.35 2.91
N TYR A 215 12.63 20.58 3.58
CA TYR A 215 13.27 19.47 2.91
C TYR A 215 12.26 18.45 2.41
N MET A 216 11.22 18.15 3.20
CA MET A 216 10.21 17.19 2.74
C MET A 216 9.54 17.68 1.46
N LEU A 217 9.13 18.96 1.42
CA LEU A 217 8.45 19.52 0.25
C LEU A 217 9.36 19.47 -0.98
N VAL A 218 10.63 19.80 -0.81
CA VAL A 218 11.57 19.70 -1.93
C VAL A 218 11.65 18.26 -2.44
N GLU A 219 11.79 17.31 -1.52
CA GLU A 219 11.91 15.91 -1.91
C GLU A 219 10.62 15.44 -2.59
N PHE A 220 9.46 15.94 -2.13
CA PHE A 220 8.20 15.57 -2.79
C PHE A 220 8.24 15.93 -4.28
N VAL A 221 8.69 17.13 -4.59
CA VAL A 221 8.56 17.64 -5.97
C VAL A 221 9.72 17.16 -6.85
N VAL A 222 10.93 17.08 -6.31
CA VAL A 222 12.12 16.69 -7.08
C VAL A 222 12.38 15.17 -7.05
N GLY A 223 11.98 14.49 -5.99
CA GLY A 223 12.19 13.06 -5.83
C GLY A 223 13.39 12.68 -4.98
N GLN A 224 14.28 13.62 -4.65
CA GLN A 224 15.47 13.32 -3.85
C GLN A 224 15.98 14.64 -3.30
N LEU A 225 16.81 14.56 -2.25
CA LEU A 225 17.57 15.66 -1.65
C LEU A 225 19.04 15.56 -2.06
N PRO A 226 19.81 16.64 -2.01
CA PRO A 226 21.20 16.57 -2.54
C PRO A 226 22.10 15.60 -1.81
N TRP A 227 21.80 15.30 -0.55
CA TRP A 227 22.59 14.41 0.29
C TRP A 227 21.99 13.01 0.36
N ARG A 228 21.16 12.65 -0.62
CA ARG A 228 20.47 11.35 -0.62
C ARG A 228 21.44 10.16 -0.47
N LYS A 229 22.59 10.18 -1.15
CA LYS A 229 23.50 9.05 -1.14
C LYS A 229 24.52 9.09 0.00
N ILE A 230 24.50 10.12 0.82
CA ILE A 230 25.48 10.35 1.87
C ILE A 230 24.90 9.81 3.18
N LYS A 231 25.58 8.83 3.78
CA LYS A 231 25.10 8.23 5.03
C LYS A 231 25.79 8.80 6.28
N ASP A 232 27.07 9.17 6.18
CA ASP A 232 27.75 9.73 7.34
C ASP A 232 27.07 11.03 7.77
N LYS A 233 26.78 11.12 9.08
CA LYS A 233 26.01 12.27 9.56
C LYS A 233 26.78 13.57 9.42
N GLU A 234 28.08 13.50 9.68
CA GLU A 234 28.98 14.68 9.63
C GLU A 234 29.15 15.18 8.19
N GLN A 235 29.27 14.28 7.21
CA GLN A 235 29.38 14.64 5.79
C GLN A 235 28.10 15.31 5.31
N VAL A 236 26.94 14.82 5.77
CA VAL A 236 25.68 15.43 5.42
C VAL A 236 25.59 16.82 6.01
N GLY A 237 25.97 16.97 7.28
CA GLY A 237 25.92 18.27 7.90
C GLY A 237 26.83 19.27 7.22
N SER A 238 28.00 18.83 6.80
CA SER A 238 28.90 19.75 6.11
C SER A 238 28.31 20.23 4.79
N ILE A 239 27.58 19.35 4.09
CA ILE A 239 26.90 19.72 2.85
C ILE A 239 25.82 20.76 3.13
N LYS A 240 24.97 20.48 4.12
CA LYS A 240 23.87 21.41 4.41
C LYS A 240 24.38 22.78 4.83
N GLU A 241 25.49 22.82 5.58
CA GLU A 241 26.02 24.07 6.07
C GLU A 241 26.44 24.97 4.91
N ARG A 242 27.00 24.40 3.85
CA ARG A 242 27.51 25.16 2.71
C ARG A 242 26.50 25.31 1.59
N TYR A 243 25.40 24.57 1.62
CA TYR A 243 24.48 24.49 0.50
C TYR A 243 23.72 25.80 0.31
N ASP A 244 23.63 26.25 -0.94
CA ASP A 244 22.80 27.41 -1.28
C ASP A 244 21.35 26.93 -1.44
N HIS A 245 20.56 27.09 -0.38
CA HIS A 245 19.22 26.51 -0.42
C HIS A 245 18.32 27.21 -1.43
N ARG A 246 18.71 28.37 -1.97
CA ARG A 246 17.92 28.93 -3.04
C ARG A 246 17.89 28.06 -4.29
N LEU A 247 18.86 27.13 -4.47
CA LEU A 247 18.77 26.16 -5.58
C LEU A 247 17.50 25.33 -5.49
N MET A 248 17.01 25.11 -4.28
CA MET A 248 15.80 24.29 -4.08
C MET A 248 14.53 25.03 -4.47
N LEU A 249 14.59 26.33 -4.69
CA LEU A 249 13.41 27.08 -5.12
C LEU A 249 13.05 26.84 -6.58
N LYS A 250 13.96 26.26 -7.37
CA LYS A 250 13.78 26.10 -8.82
C LYS A 250 12.46 25.41 -9.16
N HIS A 251 12.10 24.37 -8.44
CA HIS A 251 10.90 23.59 -8.76
C HIS A 251 9.75 23.87 -7.83
N LEU A 252 9.86 24.87 -7.01
CA LEU A 252 8.72 25.24 -6.16
C LEU A 252 8.07 26.53 -6.68
N PRO A 253 6.78 26.73 -6.36
CA PRO A 253 6.13 27.99 -6.71
C PRO A 253 6.91 29.18 -6.19
N PRO A 254 6.80 30.32 -6.86
CA PRO A 254 7.66 31.47 -6.54
C PRO A 254 7.58 31.93 -5.09
N GLU A 255 6.41 31.86 -4.42
CA GLU A 255 6.41 32.44 -3.08
C GLU A 255 7.21 31.61 -2.09
N PHE A 256 7.73 30.45 -2.46
CA PHE A 256 8.56 29.72 -1.49
C PHE A 256 9.91 30.41 -1.25
N SER A 257 10.29 31.38 -2.09
CA SER A 257 11.41 32.25 -1.71
C SER A 257 11.13 32.98 -0.39
N ILE A 258 9.86 33.34 -0.15
CA ILE A 258 9.46 34.01 1.09
C ILE A 258 9.55 33.04 2.26
N PHE A 259 9.05 31.81 2.05
CA PHE A 259 9.12 30.74 3.04
C PHE A 259 10.58 30.51 3.46
N LEU A 260 11.46 30.32 2.48
CA LEU A 260 12.86 30.00 2.80
C LEU A 260 13.55 31.19 3.47
N ASP A 261 13.35 32.40 2.96
CA ASP A 261 13.95 33.56 3.61
C ASP A 261 13.44 33.70 5.03
N HIS A 262 12.17 33.38 5.29
CA HIS A 262 11.68 33.53 6.64
C HIS A 262 12.34 32.50 7.58
N ILE A 263 12.33 31.21 7.20
CA ILE A 263 12.87 30.25 8.15
C ILE A 263 14.38 30.43 8.27
N SER A 264 15.05 30.93 7.23
CA SER A 264 16.49 31.17 7.31
C SER A 264 16.81 32.27 8.31
N SER A 265 15.85 33.18 8.56
CA SER A 265 16.04 34.30 9.48
C SER A 265 15.77 33.94 10.93
N LEU A 266 15.11 32.81 11.20
CA LEU A 266 14.72 32.44 12.55
C LEU A 266 15.88 31.84 13.33
N ASP A 267 15.73 31.86 14.64
CA ASP A 267 16.61 31.13 15.55
C ASP A 267 15.74 30.54 16.67
N TYR A 268 16.42 29.93 17.67
CA TYR A 268 15.72 29.22 18.74
C TYR A 268 14.73 30.14 19.44
N PHE A 269 15.12 31.41 19.60
CA PHE A 269 14.39 32.34 20.41
C PHE A 269 13.33 33.14 19.64
N THR A 270 13.09 32.85 18.37
CA THR A 270 12.16 33.64 17.56
C THR A 270 10.96 32.78 17.19
N LYS A 271 9.74 33.22 17.55
CA LYS A 271 8.55 32.48 17.14
C LYS A 271 8.35 32.62 15.64
N PRO A 272 8.15 31.52 14.91
CA PRO A 272 7.89 31.63 13.46
C PRO A 272 6.63 32.42 13.22
N ASP A 273 6.60 33.08 12.06
CA ASP A 273 5.43 33.80 11.58
C ASP A 273 4.62 32.77 10.79
N TYR A 274 3.83 31.97 11.53
CA TYR A 274 3.10 30.88 10.88
C TYR A 274 2.11 31.41 9.86
N GLN A 275 1.49 32.56 10.17
CA GLN A 275 0.55 33.20 9.24
C GLN A 275 1.23 33.53 7.89
N LEU A 276 2.45 34.08 7.94
CA LEU A 276 3.20 34.29 6.70
C LEU A 276 3.44 32.98 5.96
N LEU A 277 3.86 31.92 6.69
CA LEU A 277 4.17 30.68 6.02
C LEU A 277 2.91 30.07 5.44
N THR A 278 1.79 30.25 6.13
CA THR A 278 0.53 29.74 5.63
CA THR A 278 0.51 29.75 5.64
C THR A 278 0.13 30.45 4.33
N SER A 279 0.36 31.77 4.27
CA SER A 279 0.01 32.54 3.09
C SER A 279 0.82 32.12 1.88
N VAL A 280 2.04 31.61 2.12
CA VAL A 280 2.80 31.06 1.00
C VAL A 280 2.03 29.89 0.37
N PHE A 281 1.49 29.00 1.21
CA PHE A 281 0.69 27.90 0.67
C PHE A 281 -0.58 28.42 0.02
N ASP A 282 -1.32 29.29 0.74
CA ASP A 282 -2.62 29.75 0.25
C ASP A 282 -2.46 30.46 -1.09
N ASN A 283 -1.50 31.39 -1.16
CA ASN A 283 -1.30 32.12 -2.41
C ASN A 283 -0.88 31.19 -3.53
N SER A 284 -0.01 30.21 -3.25
CA SER A 284 0.42 29.26 -4.28
C SER A 284 -0.72 28.40 -4.78
N ILE A 285 -1.55 27.91 -3.86
CA ILE A 285 -2.69 27.10 -4.24
C ILE A 285 -3.60 27.90 -5.16
N LYS A 286 -3.80 29.18 -4.83
CA LYS A 286 -4.65 30.01 -5.66
C LYS A 286 -4.01 30.27 -7.02
N THR A 287 -2.71 30.58 -7.07
CA THR A 287 -2.08 30.85 -8.36
CA THR A 287 -2.04 30.84 -8.36
C THR A 287 -2.09 29.63 -9.26
N PHE A 288 -1.91 28.45 -8.70
CA PHE A 288 -1.93 27.27 -9.54
C PHE A 288 -3.35 26.71 -9.75
N GLY A 289 -4.38 27.37 -9.24
CA GLY A 289 -5.74 26.90 -9.46
C GLY A 289 -6.08 25.57 -8.80
N VAL A 290 -5.41 25.23 -7.71
CA VAL A 290 -5.63 23.98 -7.00
C VAL A 290 -6.93 24.10 -6.20
N ILE A 291 -7.81 23.08 -6.32
CA ILE A 291 -9.05 22.99 -5.56
C ILE A 291 -8.95 21.78 -4.64
N GLU A 292 -9.52 21.91 -3.43
CA GLU A 292 -9.39 20.85 -2.43
C GLU A 292 -10.01 19.55 -2.91
N SER A 293 -11.08 19.64 -3.71
CA SER A 293 -11.73 18.48 -4.30
C SER A 293 -10.86 17.74 -5.31
N ASP A 294 -9.84 18.38 -5.88
CA ASP A 294 -9.02 17.73 -6.90
C ASP A 294 -8.44 16.44 -6.36
N PRO A 295 -8.25 15.42 -7.19
CA PRO A 295 -7.60 14.19 -6.71
C PRO A 295 -6.14 14.40 -6.27
N PHE A 296 -5.78 13.71 -5.19
CA PHE A 296 -4.37 13.56 -4.88
C PHE A 296 -3.75 12.59 -5.90
N ASP A 297 -2.42 12.59 -5.98
CA ASP A 297 -1.77 11.82 -7.04
C ASP A 297 -2.13 10.33 -6.96
N TRP A 298 -2.26 9.80 -5.75
CA TRP A 298 -2.57 8.39 -5.60
C TRP A 298 -4.03 8.06 -5.86
N GLU A 299 -4.85 9.07 -6.08
CA GLU A 299 -6.28 8.91 -6.38
C GLU A 299 -6.51 8.96 -7.89
N LYS A 300 -5.44 9.02 -8.68
CA LYS A 300 -5.50 9.07 -10.15
C LYS A 300 -5.45 7.66 -10.71
N LEU B 9 -25.75 2.87 -5.99
CA LEU B 9 -24.79 3.03 -4.91
C LEU B 9 -24.23 1.68 -4.44
N ASP B 10 -23.62 1.67 -3.26
CA ASP B 10 -23.11 0.44 -2.66
C ASP B 10 -24.27 -0.41 -2.15
N ILE B 11 -24.07 -1.74 -2.16
CA ILE B 11 -25.13 -2.63 -1.72
C ILE B 11 -25.21 -2.71 -0.20
N LEU B 12 -24.07 -2.66 0.48
CA LEU B 12 -24.10 -2.61 1.93
C LEU B 12 -23.68 -1.24 2.43
N SER B 13 -24.06 -0.93 3.67
CA SER B 13 -23.54 0.26 4.30
C SER B 13 -22.44 -0.20 5.24
N VAL B 14 -21.34 0.56 5.27
CA VAL B 14 -20.32 0.34 6.28
C VAL B 14 -20.95 0.46 7.66
N GLY B 15 -20.58 -0.47 8.55
CA GLY B 15 -21.08 -0.51 9.90
C GLY B 15 -22.09 -1.62 10.14
N ILE B 16 -22.71 -2.14 9.08
CA ILE B 16 -23.70 -3.19 9.26
CA ILE B 16 -23.71 -3.17 9.31
C ILE B 16 -23.00 -4.46 9.71
N LEU B 17 -23.72 -5.29 10.45
CA LEU B 17 -23.22 -6.57 10.92
C LEU B 17 -23.92 -7.67 10.13
N VAL B 18 -23.15 -8.57 9.55
CA VAL B 18 -23.69 -9.63 8.73
C VAL B 18 -23.75 -10.92 9.55
N LYS B 19 -24.92 -11.54 9.63
CA LYS B 19 -25.07 -12.82 10.31
C LYS B 19 -24.59 -12.74 11.77
N GLU B 20 -24.77 -11.58 12.41
CA GLU B 20 -24.36 -11.37 13.80
C GLU B 20 -22.88 -11.75 14.02
N ARG B 21 -22.05 -11.62 12.96
CA ARG B 21 -20.66 -12.07 13.05
C ARG B 21 -19.71 -11.11 12.35
N TRP B 22 -20.04 -10.65 11.15
CA TRP B 22 -19.05 -9.88 10.36
C TRP B 22 -19.45 -8.41 10.29
N LYS B 23 -18.65 -7.53 10.93
CA LYS B 23 -18.93 -6.10 10.91
C LYS B 23 -18.21 -5.47 9.73
N VAL B 24 -18.97 -4.88 8.81
CA VAL B 24 -18.44 -4.25 7.60
C VAL B 24 -17.72 -2.95 7.98
N LEU B 25 -16.43 -2.83 7.62
CA LEU B 25 -15.62 -1.69 8.03
C LEU B 25 -15.27 -0.72 6.92
N ARG B 26 -14.89 -1.19 5.74
CA ARG B 26 -14.41 -0.30 4.69
C ARG B 26 -14.50 -1.03 3.37
N LYS B 27 -14.95 -0.33 2.34
CA LYS B 27 -14.97 -0.89 1.00
C LYS B 27 -13.54 -0.94 0.48
N ILE B 28 -13.08 -2.12 0.06
CA ILE B 28 -11.73 -2.25 -0.49
C ILE B 28 -11.69 -2.55 -1.97
N GLY B 29 -12.83 -2.85 -2.60
CA GLY B 29 -12.87 -3.01 -4.04
C GLY B 29 -14.24 -2.66 -4.60
N GLY B 30 -14.25 -1.84 -5.65
CA GLY B 30 -15.47 -1.50 -6.38
C GLY B 30 -15.31 -1.52 -7.89
N GLY B 32 -13.84 -2.79 -10.98
CA GLY B 32 -14.30 -4.08 -11.44
C GLY B 32 -14.19 -5.21 -10.42
N PHE B 33 -13.91 -4.87 -9.17
CA PHE B 33 -13.80 -5.86 -8.09
C PHE B 33 -15.16 -6.31 -7.54
N GLY B 34 -16.27 -5.73 -8.02
CA GLY B 34 -17.55 -6.00 -7.39
C GLY B 34 -17.61 -5.16 -6.13
N GLU B 35 -18.31 -5.66 -5.13
CA GLU B 35 -18.32 -4.93 -3.87
C GLU B 35 -17.64 -5.80 -2.83
N ILE B 36 -16.46 -5.38 -2.39
CA ILE B 36 -15.71 -6.17 -1.43
C ILE B 36 -15.21 -5.25 -0.32
N TYR B 37 -15.31 -5.75 0.90
CA TYR B 37 -15.08 -5.00 2.13
C TYR B 37 -14.06 -5.70 3.01
N ASP B 38 -13.48 -4.88 3.85
CA ASP B 38 -12.67 -5.33 4.98
C ASP B 38 -13.69 -5.38 6.13
N ALA B 39 -13.92 -6.55 6.68
CA ALA B 39 -14.86 -6.71 7.78
C ALA B 39 -14.15 -7.31 9.00
N LEU B 40 -14.68 -7.06 10.21
CA LEU B 40 -14.17 -7.73 11.41
C LEU B 40 -15.00 -9.00 11.70
N ASP B 41 -14.32 -10.15 11.84
CA ASP B 41 -14.97 -11.42 12.23
C ASP B 41 -14.94 -11.50 13.75
N MET B 42 -16.10 -11.28 14.36
CA MET B 42 -16.14 -11.25 15.82
C MET B 42 -16.10 -12.65 16.42
N LEU B 43 -16.32 -13.69 15.64
CA LEU B 43 -16.16 -15.01 16.22
C LEU B 43 -14.69 -15.31 16.43
N THR B 44 -13.87 -15.00 15.42
CA THR B 44 -12.45 -15.32 15.49
C THR B 44 -11.58 -14.11 15.85
N ARG B 45 -12.14 -12.89 15.89
CA ARG B 45 -11.41 -11.69 16.30
C ARG B 45 -10.28 -11.38 15.31
N GLU B 46 -10.65 -11.30 14.03
CA GLU B 46 -9.71 -10.96 12.96
C GLU B 46 -10.42 -10.22 11.81
N ASN B 47 -9.62 -9.48 11.04
CA ASN B 47 -10.16 -8.89 9.82
C ASN B 47 -10.22 -9.95 8.74
N VAL B 48 -11.25 -9.88 7.90
CA VAL B 48 -11.49 -10.78 6.79
C VAL B 48 -11.95 -9.96 5.58
N ALA B 49 -12.04 -10.61 4.43
CA ALA B 49 -12.62 -9.99 3.24
C ALA B 49 -14.05 -10.49 3.13
N LEU B 50 -14.97 -9.62 2.72
CA LEU B 50 -16.39 -9.97 2.60
C LEU B 50 -16.85 -9.41 1.26
N LYS B 51 -17.27 -10.29 0.35
CA LYS B 51 -17.71 -9.85 -0.97
C LYS B 51 -19.21 -10.04 -1.10
N VAL B 52 -19.88 -9.05 -1.65
CA VAL B 52 -21.34 -9.08 -1.72
C VAL B 52 -21.80 -8.87 -3.16
N GLU B 53 -22.96 -9.42 -3.47
CA GLU B 53 -23.64 -9.12 -4.72
C GLU B 53 -25.10 -8.92 -4.41
N SER B 54 -25.73 -8.07 -5.20
CA SER B 54 -27.17 -7.75 -5.02
C SER B 54 -28.03 -8.94 -5.43
N ALA B 55 -29.10 -9.20 -4.68
CA ALA B 55 -29.99 -10.32 -5.05
C ALA B 55 -30.91 -9.89 -6.19
N GLN B 56 -30.83 -8.64 -6.61
CA GLN B 56 -31.59 -8.20 -7.78
C GLN B 56 -30.71 -8.00 -9.02
N GLN B 57 -29.40 -8.27 -8.92
CA GLN B 57 -28.51 -8.13 -10.08
C GLN B 57 -28.80 -9.25 -11.09
N PRO B 58 -28.77 -8.96 -12.39
CA PRO B 58 -29.18 -9.97 -13.37
C PRO B 58 -28.32 -11.24 -13.36
N LYS B 59 -26.99 -11.08 -13.51
CA LYS B 59 -26.05 -12.19 -13.41
C LYS B 59 -25.49 -12.20 -12.00
N GLN B 60 -25.80 -13.26 -11.26
CA GLN B 60 -25.31 -13.48 -9.91
C GLN B 60 -24.31 -14.63 -9.91
N VAL B 61 -23.10 -14.36 -9.42
CA VAL B 61 -21.99 -15.29 -9.56
C VAL B 61 -21.44 -15.77 -8.23
N LEU B 62 -21.88 -15.25 -7.07
CA LEU B 62 -21.23 -15.65 -5.83
C LEU B 62 -21.45 -17.14 -5.51
N LYS B 63 -22.58 -17.72 -5.91
CA LYS B 63 -22.78 -19.16 -5.68
C LYS B 63 -21.66 -19.97 -6.29
N MET B 64 -21.25 -19.61 -7.51
CA MET B 64 -20.17 -20.31 -8.17
C MET B 64 -18.83 -19.91 -7.55
N GLU B 65 -18.68 -18.66 -7.09
CA GLU B 65 -17.45 -18.31 -6.40
C GLU B 65 -17.29 -19.14 -5.15
N VAL B 66 -18.36 -19.32 -4.36
CA VAL B 66 -18.28 -20.15 -3.17
C VAL B 66 -17.92 -21.58 -3.55
N ALA B 67 -18.54 -22.11 -4.60
CA ALA B 67 -18.26 -23.48 -5.02
C ALA B 67 -16.79 -23.68 -5.38
N VAL B 68 -16.22 -22.74 -6.15
CA VAL B 68 -14.81 -22.84 -6.55
C VAL B 68 -13.90 -22.69 -5.34
N LEU B 69 -14.19 -21.66 -4.54
CA LEU B 69 -13.42 -21.38 -3.29
C LEU B 69 -13.41 -22.63 -2.40
N LYS B 70 -14.57 -23.26 -2.21
CA LYS B 70 -14.61 -24.46 -1.37
C LYS B 70 -13.87 -25.63 -2.02
N LYS B 71 -13.95 -25.76 -3.35
CA LYS B 71 -13.27 -26.87 -3.99
C LYS B 71 -11.76 -26.71 -3.98
N LEU B 72 -11.26 -25.49 -3.80
CA LEU B 72 -9.84 -25.23 -3.78
C LEU B 72 -9.25 -25.30 -2.40
N GLN B 73 -10.08 -25.50 -1.37
CA GLN B 73 -9.57 -25.48 -0.01
C GLN B 73 -8.52 -26.57 0.16
N GLY B 74 -7.43 -26.21 0.83
CA GLY B 74 -6.27 -27.06 0.97
C GLY B 74 -5.17 -26.83 -0.07
N LYS B 75 -5.49 -26.14 -1.15
CA LYS B 75 -4.50 -25.86 -2.18
C LYS B 75 -3.67 -24.63 -1.78
N ASP B 76 -2.45 -24.59 -2.27
CA ASP B 76 -1.67 -23.38 -2.11
C ASP B 76 -2.24 -22.27 -3.02
N HIS B 77 -1.95 -21.02 -2.65
CA HIS B 77 -2.32 -19.81 -3.40
C HIS B 77 -3.82 -19.51 -3.37
N VAL B 78 -4.57 -20.04 -2.40
CA VAL B 78 -6.00 -19.77 -2.34
C VAL B 78 -6.33 -19.26 -0.94
N CYS B 79 -7.26 -18.31 -0.87
CA CYS B 79 -7.71 -17.78 0.40
C CYS B 79 -8.48 -18.83 1.18
N ARG B 80 -8.27 -18.83 2.48
CA ARG B 80 -9.11 -19.71 3.30
C ARG B 80 -10.60 -19.27 3.25
N PHE B 81 -11.49 -20.28 3.10
CA PHE B 81 -12.94 -20.04 3.15
C PHE B 81 -13.40 -19.82 4.59
N ILE B 82 -14.22 -18.77 4.81
CA ILE B 82 -14.68 -18.43 6.16
C ILE B 82 -16.20 -18.50 6.32
N GLY B 83 -16.95 -18.13 5.30
CA GLY B 83 -18.40 -18.29 5.41
C GLY B 83 -19.10 -17.76 4.17
N CYS B 84 -20.42 -17.94 4.14
CA CYS B 84 -21.22 -17.46 3.01
C CYS B 84 -22.67 -17.43 3.43
N GLY B 85 -23.46 -16.69 2.65
CA GLY B 85 -24.90 -16.71 2.89
C GLY B 85 -25.64 -16.03 1.77
N ARG B 86 -26.96 -16.09 1.85
CA ARG B 86 -27.83 -15.51 0.84
C ARG B 86 -29.10 -15.06 1.54
N ASN B 87 -29.52 -13.81 1.31
CA ASN B 87 -30.77 -13.30 1.86
C ASN B 87 -31.50 -12.53 0.75
N ASP B 88 -32.61 -11.89 1.12
CA ASP B 88 -33.49 -11.25 0.13
C ASP B 88 -32.85 -10.01 -0.49
N ARG B 89 -31.88 -9.38 0.17
CA ARG B 89 -31.22 -8.20 -0.37
C ARG B 89 -29.88 -8.52 -1.04
N PHE B 90 -29.07 -9.42 -0.49
CA PHE B 90 -27.75 -9.66 -1.07
C PHE B 90 -27.27 -11.06 -0.77
N ASN B 91 -26.31 -11.52 -1.58
CA ASN B 91 -25.54 -12.72 -1.32
C ASN B 91 -24.15 -12.31 -0.89
N TYR B 92 -23.51 -13.11 -0.04
CA TYR B 92 -22.15 -12.77 0.39
C TYR B 92 -21.27 -14.01 0.52
N VAL B 93 -19.95 -13.78 0.46
CA VAL B 93 -18.96 -14.81 0.77
C VAL B 93 -17.86 -14.13 1.58
N VAL B 94 -17.29 -14.89 2.52
CA VAL B 94 -16.27 -14.36 3.46
C VAL B 94 -15.02 -15.21 3.31
N MET B 95 -13.85 -14.56 3.21
CA MET B 95 -12.62 -15.31 3.02
C MET B 95 -11.43 -14.54 3.63
N GLN B 96 -10.32 -15.24 3.75
CA GLN B 96 -9.09 -14.68 4.31
C GLN B 96 -8.68 -13.40 3.58
N LEU B 97 -8.40 -12.35 4.35
CA LEU B 97 -7.99 -11.07 3.76
C LEU B 97 -6.52 -11.08 3.39
N GLN B 98 -6.20 -10.61 2.19
CA GLN B 98 -4.81 -10.54 1.69
C GLN B 98 -4.31 -9.09 1.63
N GLY B 99 -3.13 -8.92 1.03
CA GLY B 99 -2.43 -7.62 1.04
C GLY B 99 -2.44 -6.97 -0.33
N ARG B 100 -1.29 -6.42 -0.75
CA ARG B 100 -1.27 -5.64 -1.98
C ARG B 100 -1.32 -6.50 -3.23
N ASN B 101 -2.07 -6.04 -4.23
CA ASN B 101 -2.12 -6.88 -5.43
C ASN B 101 -1.00 -6.47 -6.40
N LEU B 102 -0.77 -7.35 -7.37
CA LEU B 102 0.35 -7.21 -8.29
C LEU B 102 0.18 -6.04 -9.25
N ALA B 103 -1.05 -5.67 -9.61
CA ALA B 103 -1.18 -4.49 -10.49
C ALA B 103 -0.68 -3.25 -9.79
N ASP B 104 -1.02 -3.11 -8.52
CA ASP B 104 -0.55 -1.95 -7.77
C ASP B 104 0.96 -2.00 -7.58
N LEU B 105 1.48 -3.18 -7.19
CA LEU B 105 2.94 -3.29 -7.06
C LEU B 105 3.66 -3.00 -8.37
N ARG B 106 3.16 -3.47 -9.53
CA ARG B 106 3.87 -3.19 -10.79
C ARG B 106 3.79 -1.71 -11.16
N ARG B 107 2.59 -1.11 -11.02
CA ARG B 107 2.48 0.31 -11.41
C ARG B 107 3.42 1.19 -10.59
N SER B 108 3.73 0.78 -9.37
CA SER B 108 4.63 1.52 -8.47
CA SER B 108 4.63 1.52 -8.48
C SER B 108 6.08 1.50 -8.92
N GLN B 109 6.45 0.60 -9.82
CA GLN B 109 7.84 0.44 -10.24
C GLN B 109 8.22 1.50 -11.27
N SER B 110 9.49 1.94 -11.23
CA SER B 110 10.05 2.64 -12.36
C SER B 110 9.67 1.93 -13.65
N ARG B 111 9.12 2.68 -14.60
CA ARG B 111 8.80 2.17 -15.95
C ARG B 111 7.70 1.12 -15.88
N GLY B 112 7.25 0.82 -14.66
CA GLY B 112 6.24 -0.20 -14.48
C GLY B 112 6.75 -1.58 -14.78
N THR B 113 8.05 -1.84 -14.55
CA THR B 113 8.61 -3.18 -14.78
C THR B 113 9.07 -3.83 -13.46
N PHE B 114 9.01 -5.17 -13.42
CA PHE B 114 9.63 -5.99 -12.39
C PHE B 114 10.94 -6.54 -12.93
N THR B 115 11.90 -6.81 -12.03
CA THR B 115 13.11 -7.49 -12.48
C THR B 115 12.77 -8.90 -12.92
N ILE B 116 13.72 -9.55 -13.58
CA ILE B 116 13.53 -10.95 -13.97
C ILE B 116 13.37 -11.83 -12.72
N SER B 117 14.13 -11.54 -11.64
CA SER B 117 14.03 -12.36 -10.43
C SER B 117 12.61 -12.32 -9.82
N THR B 118 12.03 -11.13 -9.73
CA THR B 118 10.66 -11.03 -9.22
C THR B 118 9.68 -11.64 -10.19
N THR B 119 9.85 -11.38 -11.48
CA THR B 119 8.91 -11.87 -12.50
C THR B 119 8.86 -13.40 -12.51
N LEU B 120 10.04 -14.05 -12.48
CA LEU B 120 10.09 -15.53 -12.54
C LEU B 120 9.45 -16.16 -11.32
N ARG B 121 9.74 -15.61 -10.14
CA ARG B 121 9.18 -16.21 -8.93
C ARG B 121 7.65 -16.01 -8.85
N LEU B 122 7.16 -14.83 -9.20
CA LEU B 122 5.71 -14.60 -9.24
C LEU B 122 5.07 -15.46 -10.32
N GLY B 123 5.72 -15.53 -11.48
CA GLY B 123 5.13 -16.32 -12.57
C GLY B 123 4.98 -17.79 -12.21
N ARG B 124 5.97 -18.35 -11.54
CA ARG B 124 5.90 -19.75 -11.13
C ARG B 124 4.78 -19.95 -10.13
N GLN B 125 4.60 -19.00 -9.21
CA GLN B 125 3.49 -19.09 -8.24
C GLN B 125 2.15 -19.01 -8.97
N ILE B 126 2.06 -18.13 -9.94
CA ILE B 126 0.79 -17.97 -10.65
C ILE B 126 0.50 -19.21 -11.46
N LEU B 127 1.53 -19.77 -12.11
CA LEU B 127 1.36 -21.04 -12.85
C LEU B 127 0.86 -22.16 -11.92
N GLU B 128 1.42 -22.23 -10.70
CA GLU B 128 0.96 -23.21 -9.71
C GLU B 128 -0.53 -23.02 -9.41
N SER B 129 -0.96 -21.76 -9.22
CA SER B 129 -2.37 -21.51 -8.90
C SER B 129 -3.29 -21.85 -10.06
N ILE B 130 -2.81 -21.67 -11.31
CA ILE B 130 -3.61 -22.00 -12.50
C ILE B 130 -3.73 -23.52 -12.63
N GLU B 131 -2.60 -24.25 -12.46
CA GLU B 131 -2.76 -25.70 -12.50
C GLU B 131 -3.70 -26.18 -11.41
N SER B 132 -3.69 -25.52 -10.25
CA SER B 132 -4.55 -25.92 -9.14
C SER B 132 -6.03 -25.73 -9.48
N ILE B 133 -6.41 -24.56 -10.00
CA ILE B 133 -7.83 -24.39 -10.32
C ILE B 133 -8.24 -25.32 -11.47
N HIS B 134 -7.38 -25.49 -12.47
CA HIS B 134 -7.71 -26.49 -13.52
C HIS B 134 -7.90 -27.89 -12.93
N SER B 135 -7.07 -28.22 -11.95
CA SER B 135 -7.12 -29.56 -11.37
C SER B 135 -8.46 -29.85 -10.69
N VAL B 136 -9.17 -28.83 -10.21
CA VAL B 136 -10.50 -29.08 -9.60
C VAL B 136 -11.60 -28.84 -10.61
N GLY B 137 -11.25 -28.66 -11.87
CA GLY B 137 -12.23 -28.65 -12.94
C GLY B 137 -12.77 -27.30 -13.34
N PHE B 138 -12.12 -26.20 -12.94
CA PHE B 138 -12.56 -24.85 -13.31
C PHE B 138 -11.48 -24.11 -14.08
N LEU B 139 -11.95 -23.29 -15.02
CA LEU B 139 -11.14 -22.23 -15.64
C LEU B 139 -11.35 -20.93 -14.87
N HIS B 140 -10.26 -20.13 -14.72
CA HIS B 140 -10.43 -18.84 -14.08
C HIS B 140 -11.07 -17.81 -15.04
N ARG B 141 -10.54 -17.73 -16.28
CA ARG B 141 -10.97 -16.92 -17.41
C ARG B 141 -10.72 -15.41 -17.21
N ASP B 142 -10.10 -15.00 -16.10
CA ASP B 142 -9.81 -13.57 -15.98
C ASP B 142 -8.50 -13.38 -15.25
N ILE B 143 -7.49 -14.12 -15.72
CA ILE B 143 -6.14 -14.06 -15.17
C ILE B 143 -5.55 -12.69 -15.49
N LYS B 144 -5.18 -11.92 -14.45
CA LYS B 144 -4.63 -10.56 -14.66
C LYS B 144 -3.97 -10.13 -13.35
N PRO B 145 -3.09 -9.12 -13.38
CA PRO B 145 -2.33 -8.80 -12.17
C PRO B 145 -3.18 -8.38 -10.98
N SER B 146 -4.30 -7.71 -11.21
CA SER B 146 -5.09 -7.29 -10.06
C SER B 146 -5.83 -8.43 -9.41
N ASN B 147 -5.86 -9.60 -10.03
CA ASN B 147 -6.48 -10.79 -9.42
C ASN B 147 -5.45 -11.65 -8.70
N PHE B 148 -4.27 -11.08 -8.35
CA PHE B 148 -3.31 -11.80 -7.52
C PHE B 148 -2.79 -10.85 -6.43
N ALA B 149 -2.72 -11.30 -5.20
CA ALA B 149 -2.24 -10.39 -4.15
C ALA B 149 -1.25 -11.14 -3.29
N MET B 150 -0.28 -10.40 -2.74
CA MET B 150 0.57 -11.01 -1.76
C MET B 150 -0.15 -11.07 -0.41
N GLY B 151 0.29 -11.96 0.43
CA GLY B 151 -0.21 -12.00 1.78
C GLY B 151 0.16 -10.75 2.58
N ARG B 152 -0.47 -10.68 3.73
CA ARG B 152 -0.56 -9.57 4.65
C ARG B 152 0.34 -9.74 5.88
N PHE B 153 0.93 -10.91 6.09
CA PHE B 153 1.64 -11.20 7.32
C PHE B 153 3.04 -11.68 7.00
N PRO B 154 3.98 -11.62 7.98
CA PRO B 154 5.35 -12.09 7.68
C PRO B 154 5.39 -13.48 7.07
N SER B 155 4.54 -14.40 7.54
CA SER B 155 4.52 -15.76 6.99
C SER B 155 3.77 -15.89 5.66
N THR B 156 3.03 -14.89 5.21
CA THR B 156 2.29 -15.02 3.97
C THR B 156 2.70 -13.98 2.93
N CYS B 157 3.45 -12.95 3.31
CA CYS B 157 3.70 -11.86 2.36
C CYS B 157 4.60 -12.25 1.19
N ARG B 158 5.27 -13.41 1.21
CA ARG B 158 6.06 -13.85 0.08
C ARG B 158 5.31 -14.88 -0.77
N LYS B 159 4.02 -15.10 -0.45
CA LYS B 159 3.14 -16.00 -1.18
C LYS B 159 2.13 -15.15 -1.94
N CYS B 160 1.84 -15.59 -3.16
CA CYS B 160 0.91 -14.91 -4.03
C CYS B 160 -0.39 -15.71 -4.03
N TYR B 161 -1.54 -15.02 -3.91
CA TYR B 161 -2.83 -15.68 -3.79
C TYR B 161 -3.70 -15.31 -5.00
N MET B 162 -4.36 -16.31 -5.57
CA MET B 162 -5.31 -16.08 -6.66
C MET B 162 -6.67 -15.59 -6.13
N LEU B 163 -7.20 -14.52 -6.74
CA LEU B 163 -8.44 -13.87 -6.32
C LEU B 163 -9.50 -13.90 -7.43
N ASP B 164 -10.73 -13.74 -7.00
CA ASP B 164 -11.90 -13.41 -7.83
C ASP B 164 -12.22 -14.53 -8.81
N PHE B 165 -13.12 -15.40 -8.38
CA PHE B 165 -13.57 -16.51 -9.21
C PHE B 165 -14.88 -16.20 -9.90
N GLY B 166 -15.25 -14.91 -9.97
CA GLY B 166 -16.55 -14.50 -10.51
C GLY B 166 -16.78 -14.81 -11.98
N LEU B 167 -15.73 -14.93 -12.78
CA LEU B 167 -15.85 -15.26 -14.19
C LEU B 167 -15.49 -16.71 -14.48
N ALA B 168 -15.32 -17.50 -13.43
CA ALA B 168 -14.90 -18.88 -13.61
C ALA B 168 -16.00 -19.70 -14.29
N ARG B 169 -15.56 -20.81 -14.87
CA ARG B 169 -16.48 -21.76 -15.48
C ARG B 169 -15.95 -23.18 -15.31
N GLN B 170 -16.86 -24.09 -14.97
CA GLN B 170 -16.46 -25.48 -14.85
C GLN B 170 -16.24 -26.05 -16.25
N PHE B 171 -15.09 -26.64 -16.51
CA PHE B 171 -14.84 -27.22 -17.82
C PHE B 171 -14.87 -28.75 -17.84
N THR B 172 -15.11 -29.40 -16.70
CA THR B 172 -15.24 -30.83 -16.63
C THR B 172 -16.67 -31.19 -16.24
N ASN B 173 -17.07 -32.42 -16.56
CA ASN B 173 -18.43 -32.85 -16.28
C ASN B 173 -18.46 -33.62 -14.96
N SER B 174 -19.58 -34.33 -14.73
CA SER B 174 -19.72 -35.19 -13.54
C SER B 174 -18.53 -36.14 -13.42
N CYS B 175 -18.19 -36.85 -14.50
CA CYS B 175 -17.06 -37.77 -14.50
C CYS B 175 -15.74 -37.04 -14.23
N GLY B 176 -15.48 -35.95 -14.96
CA GLY B 176 -14.16 -35.34 -15.01
C GLY B 176 -13.54 -35.26 -16.41
N ASP B 177 -14.26 -35.70 -17.44
CA ASP B 177 -13.91 -35.48 -18.84
C ASP B 177 -14.12 -34.00 -19.20
N VAL B 178 -13.43 -33.55 -20.24
CA VAL B 178 -13.68 -32.20 -20.74
C VAL B 178 -15.08 -32.12 -21.36
N ARG B 179 -15.81 -31.11 -20.99
CA ARG B 179 -17.17 -30.99 -21.48
C ARG B 179 -17.17 -30.43 -22.91
N PRO B 180 -18.12 -30.85 -23.74
CA PRO B 180 -18.19 -30.34 -25.11
C PRO B 180 -18.31 -28.83 -25.11
N PRO B 181 -17.51 -28.12 -25.92
CA PRO B 181 -17.57 -26.65 -25.94
C PRO B 181 -18.83 -26.12 -26.61
N ARG B 182 -19.29 -24.96 -26.16
CA ARG B 182 -20.35 -24.27 -26.88
C ARG B 182 -19.83 -23.76 -28.20
N ALA B 183 -20.73 -23.61 -29.17
CA ALA B 183 -20.35 -23.11 -30.49
C ALA B 183 -19.86 -21.66 -30.42
N VAL B 184 -20.50 -20.85 -29.60
CA VAL B 184 -20.11 -19.45 -29.37
C VAL B 184 -20.20 -19.19 -27.89
N ALA B 185 -19.24 -18.42 -27.35
CA ALA B 185 -19.24 -18.09 -25.94
C ALA B 185 -18.84 -16.63 -25.81
N GLY B 186 -19.73 -15.80 -25.27
CA GLY B 186 -19.47 -14.37 -25.23
C GLY B 186 -18.19 -14.06 -24.46
N PHE B 187 -17.48 -13.04 -24.96
CA PHE B 187 -16.18 -12.62 -24.42
C PHE B 187 -16.21 -12.45 -22.91
N ARG B 188 -15.32 -13.17 -22.26
CA ARG B 188 -15.20 -13.16 -20.81
C ARG B 188 -13.82 -12.66 -20.46
N GLY B 189 -13.79 -11.63 -19.61
CA GLY B 189 -12.56 -11.17 -19.03
C GLY B 189 -12.23 -9.73 -19.33
N THR B 190 -10.94 -9.48 -19.26
CA THR B 190 -10.37 -8.16 -19.41
C THR B 190 -9.67 -8.13 -20.76
N VAL B 191 -9.98 -7.11 -21.56
CA VAL B 191 -9.47 -7.04 -22.93
C VAL B 191 -7.95 -7.12 -22.97
N ARG B 192 -7.27 -6.42 -22.06
CA ARG B 192 -5.82 -6.36 -22.18
C ARG B 192 -5.14 -7.73 -22.09
N TYR B 193 -5.65 -8.65 -21.23
CA TYR B 193 -4.98 -9.92 -21.00
C TYR B 193 -5.69 -11.10 -21.66
N ALA B 194 -6.78 -10.86 -22.39
CA ALA B 194 -7.56 -11.93 -23.02
C ALA B 194 -6.79 -12.62 -24.15
N SER B 195 -6.96 -13.92 -24.23
CA SER B 195 -6.37 -14.66 -25.34
C SER B 195 -7.11 -14.40 -26.67
N ILE B 196 -6.46 -14.80 -27.77
CA ILE B 196 -7.04 -14.64 -29.14
C ILE B 196 -8.34 -15.45 -29.23
N ASN B 197 -8.51 -16.46 -28.37
CA ASN B 197 -9.73 -17.27 -28.41
C ASN B 197 -10.90 -16.59 -27.73
N ALA B 198 -10.64 -15.87 -26.64
CA ALA B 198 -11.70 -15.08 -26.03
C ALA B 198 -12.20 -14.01 -26.98
N HIS B 199 -11.27 -13.35 -27.68
CA HIS B 199 -11.64 -12.33 -28.65
C HIS B 199 -12.51 -12.92 -29.74
N ARG B 200 -12.25 -14.18 -30.12
CA ARG B 200 -13.05 -14.83 -31.19
C ARG B 200 -14.38 -15.36 -30.68
N ASN B 201 -14.70 -15.16 -29.40
CA ASN B 201 -15.94 -15.66 -28.81
C ASN B 201 -16.04 -17.18 -28.92
N ARG B 202 -14.91 -17.86 -28.76
CA ARG B 202 -14.83 -19.31 -28.69
C ARG B 202 -14.89 -19.73 -27.22
N GLU B 203 -15.35 -20.97 -27.00
CA GLU B 203 -15.30 -21.49 -25.63
C GLU B 203 -13.87 -21.51 -25.10
N MET B 204 -13.63 -20.85 -23.95
CA MET B 204 -12.27 -20.77 -23.45
C MET B 204 -11.84 -22.10 -22.83
N GLY B 205 -10.52 -22.36 -22.84
CA GLY B 205 -9.96 -23.60 -22.34
C GLY B 205 -8.82 -23.35 -21.35
N ARG B 206 -8.14 -24.45 -20.97
CA ARG B 206 -7.04 -24.33 -20.02
C ARG B 206 -5.93 -23.48 -20.57
N HIS B 207 -5.69 -23.59 -21.88
CA HIS B 207 -4.61 -22.84 -22.49
C HIS B 207 -4.89 -21.34 -22.51
N ASP B 208 -6.17 -20.93 -22.43
CA ASP B 208 -6.44 -19.49 -22.48
C ASP B 208 -6.05 -18.83 -21.17
N ASP B 209 -6.16 -19.54 -20.03
CA ASP B 209 -5.62 -19.00 -18.78
C ASP B 209 -4.11 -18.83 -18.88
N LEU B 210 -3.44 -19.77 -19.59
CA LEU B 210 -1.98 -19.73 -19.75
C LEU B 210 -1.54 -18.61 -20.71
N TRP B 211 -2.33 -18.33 -21.75
CA TRP B 211 -2.07 -17.15 -22.58
C TRP B 211 -2.11 -15.88 -21.74
N SER B 212 -3.13 -15.73 -20.87
CA SER B 212 -3.20 -14.53 -20.04
C SER B 212 -1.97 -14.45 -19.13
N LEU B 213 -1.52 -15.61 -18.60
CA LEU B 213 -0.28 -15.62 -17.81
C LEU B 213 0.89 -15.12 -18.64
N PHE B 214 1.00 -15.61 -19.90
CA PHE B 214 2.09 -15.18 -20.79
C PHE B 214 2.08 -13.65 -20.98
N TYR B 215 0.89 -13.06 -21.22
CA TYR B 215 0.80 -11.62 -21.37
C TYR B 215 1.16 -10.89 -20.07
N MET B 216 0.74 -11.42 -18.90
CA MET B 216 1.14 -10.82 -17.63
C MET B 216 2.64 -10.81 -17.49
N LEU B 217 3.28 -11.91 -17.84
CA LEU B 217 4.73 -11.99 -17.64
C LEU B 217 5.46 -10.98 -18.53
N VAL B 218 5.03 -10.85 -19.79
CA VAL B 218 5.63 -9.87 -20.70
C VAL B 218 5.42 -8.46 -20.15
N GLU B 219 4.20 -8.18 -19.67
CA GLU B 219 3.96 -6.84 -19.15
C GLU B 219 4.86 -6.60 -17.93
N PHE B 220 5.10 -7.64 -17.14
CA PHE B 220 5.95 -7.47 -15.97
C PHE B 220 7.34 -7.01 -16.41
N VAL B 221 7.86 -7.61 -17.45
CA VAL B 221 9.25 -7.39 -17.85
C VAL B 221 9.39 -6.16 -18.72
N VAL B 222 8.48 -5.95 -19.66
CA VAL B 222 8.56 -4.83 -20.62
C VAL B 222 7.86 -3.59 -20.07
N GLY B 223 6.83 -3.76 -19.25
CA GLY B 223 6.13 -2.64 -18.64
C GLY B 223 4.84 -2.29 -19.34
N GLN B 224 4.61 -2.86 -20.51
CA GLN B 224 3.39 -2.55 -21.26
C GLN B 224 3.21 -3.68 -22.25
N LEU B 225 2.00 -3.78 -22.79
CA LEU B 225 1.72 -4.68 -23.90
C LEU B 225 1.50 -3.92 -25.21
N PRO B 226 1.67 -4.56 -26.36
CA PRO B 226 1.62 -3.80 -27.62
C PRO B 226 0.29 -3.10 -27.85
N TRP B 227 -0.79 -3.59 -27.22
CA TRP B 227 -2.13 -3.03 -27.36
C TRP B 227 -2.53 -2.16 -26.18
N ARG B 228 -1.56 -1.64 -25.41
CA ARG B 228 -1.89 -0.84 -24.24
C ARG B 228 -2.84 0.32 -24.56
N LYS B 229 -2.59 1.05 -25.64
CA LYS B 229 -3.36 2.26 -25.95
C LYS B 229 -4.65 1.98 -26.71
N ILE B 230 -4.94 0.74 -27.05
CA ILE B 230 -6.09 0.37 -27.86
C ILE B 230 -7.19 -0.07 -26.90
N LYS B 231 -8.29 0.66 -26.91
CA LYS B 231 -9.41 0.36 -26.01
C LYS B 231 -10.50 -0.48 -26.68
N ASP B 232 -10.71 -0.32 -27.98
CA ASP B 232 -11.71 -1.10 -28.68
C ASP B 232 -11.39 -2.60 -28.67
N LYS B 233 -12.36 -3.42 -28.26
CA LYS B 233 -12.08 -4.83 -28.05
C LYS B 233 -11.75 -5.51 -29.37
N GLU B 234 -12.43 -5.17 -30.46
CA GLU B 234 -12.16 -5.88 -31.71
C GLU B 234 -10.86 -5.44 -32.38
N GLN B 235 -10.48 -4.17 -32.23
CA GLN B 235 -9.17 -3.71 -32.66
C GLN B 235 -8.05 -4.45 -31.91
N VAL B 236 -8.23 -4.66 -30.60
CA VAL B 236 -7.23 -5.40 -29.84
C VAL B 236 -7.16 -6.84 -30.34
N GLY B 237 -8.32 -7.45 -30.59
CA GLY B 237 -8.36 -8.83 -31.08
C GLY B 237 -7.72 -8.99 -32.45
N SER B 238 -7.92 -8.03 -33.36
CA SER B 238 -7.28 -8.19 -34.68
C SER B 238 -5.77 -8.08 -34.56
N ILE B 239 -5.28 -7.22 -33.64
CA ILE B 239 -3.83 -7.13 -33.39
C ILE B 239 -3.29 -8.47 -32.88
N LYS B 240 -3.95 -9.05 -31.87
CA LYS B 240 -3.48 -10.28 -31.28
C LYS B 240 -3.46 -11.41 -32.30
N GLU B 241 -4.44 -11.43 -33.18
CA GLU B 241 -4.52 -12.47 -34.20
C GLU B 241 -3.36 -12.38 -35.18
N ARG B 242 -2.87 -11.17 -35.46
CA ARG B 242 -1.78 -11.02 -36.41
C ARG B 242 -0.41 -10.98 -35.74
N TYR B 243 -0.35 -10.79 -34.45
CA TYR B 243 0.91 -10.48 -33.76
C TYR B 243 1.84 -11.68 -33.74
N ASP B 244 3.11 -11.46 -34.08
CA ASP B 244 4.12 -12.49 -33.96
C ASP B 244 4.59 -12.53 -32.52
N HIS B 245 4.02 -13.48 -31.77
CA HIS B 245 4.34 -13.46 -30.35
C HIS B 245 5.79 -13.81 -30.05
N ARG B 246 6.59 -14.30 -31.02
CA ARG B 246 8.02 -14.47 -30.72
C ARG B 246 8.70 -13.13 -30.42
N LEU B 247 8.10 -12.00 -30.83
CA LEU B 247 8.69 -10.71 -30.50
C LEU B 247 8.75 -10.51 -29.00
N MET B 248 7.84 -11.12 -28.25
CA MET B 248 7.80 -10.98 -26.80
C MET B 248 8.87 -11.82 -26.10
N LEU B 249 9.55 -12.71 -26.81
CA LEU B 249 10.59 -13.51 -26.17
C LEU B 249 11.86 -12.71 -25.90
N LYS B 250 12.00 -11.53 -26.53
CA LYS B 250 13.23 -10.75 -26.46
C LYS B 250 13.66 -10.46 -25.02
N HIS B 251 12.72 -10.14 -24.14
CA HIS B 251 13.10 -9.73 -22.79
C HIS B 251 12.84 -10.82 -21.75
N LEU B 252 12.52 -12.01 -22.19
CA LEU B 252 12.30 -13.17 -21.34
C LEU B 252 13.49 -14.12 -21.44
N PRO B 253 13.75 -14.86 -20.37
CA PRO B 253 14.85 -15.84 -20.42
C PRO B 253 14.64 -16.79 -21.56
N PRO B 254 15.73 -17.36 -22.14
CA PRO B 254 15.62 -18.16 -23.38
C PRO B 254 14.58 -19.27 -23.35
N GLU B 255 14.37 -19.93 -22.21
CA GLU B 255 13.48 -21.09 -22.25
C GLU B 255 12.02 -20.71 -22.42
N PHE B 256 11.68 -19.42 -22.41
CA PHE B 256 10.27 -19.10 -22.68
C PHE B 256 9.91 -19.28 -24.15
N SER B 257 10.88 -19.51 -25.05
CA SER B 257 10.48 -19.98 -26.38
C SER B 257 9.77 -21.32 -26.28
N ILE B 258 10.17 -22.17 -25.32
CA ILE B 258 9.51 -23.44 -25.12
C ILE B 258 8.12 -23.23 -24.55
N PHE B 259 8.00 -22.31 -23.60
CA PHE B 259 6.71 -21.96 -23.03
C PHE B 259 5.76 -21.52 -24.13
N LEU B 260 6.23 -20.57 -24.97
CA LEU B 260 5.36 -19.99 -26.01
C LEU B 260 5.01 -21.02 -27.07
N ASP B 261 6.01 -21.78 -27.52
CA ASP B 261 5.73 -22.81 -28.51
C ASP B 261 4.73 -23.83 -27.98
N HIS B 262 4.82 -24.18 -26.70
CA HIS B 262 3.85 -25.16 -26.18
C HIS B 262 2.42 -24.58 -26.14
N ILE B 263 2.26 -23.39 -25.56
CA ILE B 263 0.88 -22.90 -25.41
C ILE B 263 0.30 -22.60 -26.78
N SER B 264 1.15 -22.31 -27.79
CA SER B 264 0.66 -22.04 -29.14
C SER B 264 0.12 -23.29 -29.81
N SER B 265 0.64 -24.46 -29.43
CA SER B 265 0.23 -25.76 -29.95
C SER B 265 -1.07 -26.29 -29.33
N LEU B 266 -1.49 -25.73 -28.22
CA LEU B 266 -2.65 -26.20 -27.48
C LEU B 266 -3.96 -25.69 -28.13
N ASP B 267 -5.03 -26.42 -27.85
CA ASP B 267 -6.40 -26.02 -28.16
C ASP B 267 -7.29 -26.46 -27.00
N TYR B 268 -8.61 -26.27 -27.17
CA TYR B 268 -9.53 -26.49 -26.05
C TYR B 268 -9.44 -27.92 -25.48
N PHE B 269 -9.24 -28.92 -26.36
CA PHE B 269 -9.31 -30.34 -25.97
C PHE B 269 -7.96 -30.93 -25.56
N THR B 270 -6.89 -30.16 -25.48
CA THR B 270 -5.56 -30.72 -25.19
C THR B 270 -5.15 -30.26 -23.79
N LYS B 271 -4.86 -31.19 -22.89
CA LYS B 271 -4.39 -30.80 -21.53
C LYS B 271 -2.98 -30.20 -21.61
N PRO B 272 -2.74 -29.07 -20.97
CA PRO B 272 -1.39 -28.50 -20.97
C PRO B 272 -0.40 -29.45 -20.35
N ASP B 273 0.84 -29.37 -20.82
CA ASP B 273 1.93 -30.10 -20.17
C ASP B 273 2.45 -29.18 -19.06
N TYR B 274 1.76 -29.21 -17.90
CA TYR B 274 2.12 -28.27 -16.82
C TYR B 274 3.55 -28.51 -16.35
N GLN B 275 3.98 -29.76 -16.35
CA GLN B 275 5.35 -30.09 -15.94
C GLN B 275 6.37 -29.39 -16.82
N LEU B 276 6.14 -29.39 -18.14
CA LEU B 276 7.04 -28.69 -19.08
C LEU B 276 7.06 -27.20 -18.79
N LEU B 277 5.88 -26.61 -18.62
CA LEU B 277 5.82 -25.17 -18.34
C LEU B 277 6.50 -24.84 -17.02
N THR B 278 6.32 -25.70 -16.01
CA THR B 278 7.02 -25.48 -14.75
CA THR B 278 7.02 -25.51 -14.74
C THR B 278 8.54 -25.58 -14.93
N SER B 279 9.00 -26.52 -15.75
CA SER B 279 10.44 -26.64 -15.95
C SER B 279 11.02 -25.37 -16.58
N VAL B 280 10.25 -24.69 -17.42
CA VAL B 280 10.73 -23.41 -17.96
C VAL B 280 11.06 -22.43 -16.84
N PHE B 281 10.15 -22.33 -15.84
CA PHE B 281 10.43 -21.45 -14.71
C PHE B 281 11.61 -21.96 -13.89
N ASP B 282 11.57 -23.24 -13.54
CA ASP B 282 12.64 -23.78 -12.68
C ASP B 282 14.02 -23.60 -13.33
N ASN B 283 14.14 -23.93 -14.62
CA ASN B 283 15.43 -23.82 -15.31
C ASN B 283 15.89 -22.37 -15.42
N SER B 284 14.94 -21.47 -15.75
CA SER B 284 15.29 -20.05 -15.86
C SER B 284 15.73 -19.50 -14.49
N ILE B 285 15.04 -19.91 -13.42
CA ILE B 285 15.41 -19.43 -12.10
C ILE B 285 16.84 -19.87 -11.78
N LYS B 286 17.19 -21.12 -12.09
CA LYS B 286 18.55 -21.59 -11.83
C LYS B 286 19.57 -20.88 -12.73
N THR B 287 19.23 -20.68 -14.01
CA THR B 287 20.15 -20.03 -14.94
CA THR B 287 20.15 -20.03 -14.94
C THR B 287 20.46 -18.59 -14.51
N PHE B 288 19.48 -17.87 -13.99
CA PHE B 288 19.69 -16.50 -13.52
C PHE B 288 20.16 -16.43 -12.08
N GLY B 289 20.42 -17.57 -11.43
CA GLY B 289 20.88 -17.53 -10.06
C GLY B 289 19.89 -16.96 -9.07
N VAL B 290 18.60 -17.05 -9.33
CA VAL B 290 17.54 -16.53 -8.44
C VAL B 290 17.38 -17.47 -7.26
N ILE B 291 17.33 -16.93 -6.03
CA ILE B 291 17.07 -17.67 -4.79
C ILE B 291 15.83 -17.14 -4.12
N GLU B 292 15.07 -18.03 -3.44
CA GLU B 292 13.79 -17.66 -2.82
C GLU B 292 13.95 -16.55 -1.80
N SER B 293 15.03 -16.57 -1.03
CA SER B 293 15.26 -15.55 -0.02
C SER B 293 15.48 -14.16 -0.62
N ASP B 294 15.82 -14.07 -1.91
CA ASP B 294 16.11 -12.78 -2.53
C ASP B 294 14.92 -11.84 -2.35
N PRO B 295 15.16 -10.54 -2.10
CA PRO B 295 14.02 -9.61 -1.98
C PRO B 295 13.26 -9.48 -3.30
N PHE B 296 11.92 -9.40 -3.20
CA PHE B 296 11.12 -8.95 -4.31
C PHE B 296 11.35 -7.46 -4.52
N ASP B 297 10.96 -6.95 -5.70
CA ASP B 297 11.27 -5.57 -6.04
C ASP B 297 10.72 -4.55 -5.05
N TRP B 298 9.53 -4.80 -4.49
CA TRP B 298 8.94 -3.89 -3.53
C TRP B 298 9.53 -4.03 -2.12
N GLU B 299 10.45 -4.97 -1.90
CA GLU B 299 11.02 -5.19 -0.56
C GLU B 299 12.35 -4.47 -0.35
P PO4 C . 16.86 14.85 24.48
O1 PO4 C . 17.87 14.77 25.61
O2 PO4 C . 17.35 15.79 23.36
O3 PO4 C . 15.50 15.34 25.00
O4 PO4 C . 16.60 13.44 23.99
P PO4 D . 21.52 7.38 -9.37
O1 PO4 D . 20.82 7.13 -8.05
O2 PO4 D . 21.89 8.86 -9.46
O3 PO4 D . 20.59 7.02 -10.50
O4 PO4 D . 22.75 6.51 -9.43
N1 DTQ E . -0.48 5.88 14.48
C2 DTQ E . -1.70 5.60 13.89
N3 DTQ E . -1.79 4.83 12.75
C4 DTQ E . -0.65 4.31 12.19
C5 DTQ E . 0.56 4.58 12.74
C6 DTQ E . 0.61 5.38 13.84
C7 DTQ E . -0.63 3.47 11.01
C8 DTQ E . 0.62 2.97 10.54
C9 DTQ E . 1.80 3.28 11.15
C10 DTQ E . 1.83 4.08 12.27
N12 DTQ E . 1.72 5.84 14.62
C14 DTQ E . 1.93 6.71 15.79
C15 DTQ E . 3.01 6.36 16.53
C16 DTQ E . 3.26 7.10 17.69
C17 DTQ E . 2.38 8.13 18.08
C18 DTQ E . 1.28 8.44 17.33
C19 DTQ E . 1.02 7.70 16.16
O21 DTQ E . 4.36 6.86 18.47
O26 DTQ E . 0.60 2.15 9.40
C27 DTQ E . -0.68 1.82 8.74
O31 DTQ E . 2.90 2.68 10.52
C32 DTQ E . 4.11 2.73 11.28
P PO4 F . 19.92 28.75 16.00
O1 PO4 F . 19.01 29.23 17.11
O2 PO4 F . 21.11 29.69 15.87
O3 PO4 F . 19.18 28.75 14.68
O4 PO4 F . 20.39 27.37 16.37
C1 GOL G . -20.45 -1.91 16.43
O1 GOL G . -19.57 -2.14 17.49
C2 GOL G . -20.54 -0.38 16.23
O2 GOL G . -21.66 -0.02 15.51
C3 GOL G . -20.49 0.21 17.66
O3 GOL G . -20.59 1.58 17.55
P PO4 H . -20.53 -17.58 -19.52
O1 PO4 H . -20.44 -17.93 -18.06
O2 PO4 H . -21.83 -18.21 -19.96
O3 PO4 H . -19.33 -18.01 -20.37
O4 PO4 H . -20.64 -16.09 -19.71
N1 DTQ I . -9.80 -11.56 -1.30
C2 DTQ I . -9.02 -11.44 -0.17
N3 DTQ I . -8.35 -10.28 0.18
C4 DTQ I . -8.40 -9.19 -0.65
C5 DTQ I . -9.18 -9.30 -1.78
C6 DTQ I . -9.84 -10.44 -2.08
C7 DTQ I . -7.73 -7.95 -0.41
C8 DTQ I . -7.88 -6.89 -1.35
C9 DTQ I . -8.70 -7.04 -2.46
C10 DTQ I . -9.38 -8.24 -2.69
N12 DTQ I . -10.71 -10.85 -3.17
C14 DTQ I . -11.35 -12.12 -3.55
C15 DTQ I . -12.49 -11.90 -4.33
C16 DTQ I . -13.17 -13.02 -4.75
C17 DTQ I . -12.72 -14.28 -4.41
C18 DTQ I . -11.60 -14.53 -3.62
C19 DTQ I . -10.90 -13.39 -3.18
O21 DTQ I . -14.31 -12.81 -5.56
O26 DTQ I . -7.21 -5.65 -1.07
C27 DTQ I . -6.40 -5.52 0.09
O31 DTQ I . -8.81 -5.90 -3.33
C32 DTQ I . -9.79 -6.05 -4.36
P PO4 J . 3.90 7.14 -24.44
O1 PO4 J . 4.23 6.34 -23.21
O2 PO4 J . 4.27 6.34 -25.67
O3 PO4 J . 4.67 8.44 -24.42
O4 PO4 J . 2.42 7.48 -24.44
P PO4 K . -9.21 -23.39 -29.79
O1 PO4 K . -7.84 -23.05 -29.26
O2 PO4 K . -9.16 -23.37 -31.30
O3 PO4 K . -10.21 -22.35 -29.33
O4 PO4 K . -9.64 -24.74 -29.30
C1 GOL L . -4.61 -20.82 5.43
O1 GOL L . -5.12 -19.80 6.28
C2 GOL L . -3.83 -20.18 4.21
O2 GOL L . -4.69 -19.64 3.22
C3 GOL L . -2.88 -19.11 4.82
O3 GOL L . -2.06 -18.66 3.81
P PO4 M . -1.16 1.40 -17.51
O1 PO4 M . -1.98 1.42 -16.24
O2 PO4 M . -2.00 1.90 -18.67
O3 PO4 M . -0.70 -0.02 -17.77
O4 PO4 M . 0.07 2.26 -17.35
P PO4 N . -24.68 -24.00 -20.23
O1 PO4 N . -24.98 -24.89 -19.06
O2 PO4 N . -25.97 -23.66 -20.94
O3 PO4 N . -23.76 -24.69 -21.19
O4 PO4 N . -24.03 -22.72 -19.74
#